data_3I28
#
_entry.id   3I28
#
_cell.length_a   92.410
_cell.length_b   92.410
_cell.length_c   243.983
_cell.angle_alpha   90.000
_cell.angle_beta   90.000
_cell.angle_gamma   120.000
#
_symmetry.space_group_name_H-M   'P 65 2 2'
#
loop_
_entity.id
_entity.type
_entity.pdbx_description
1 polymer 'Epoxide hydrolase 2'
2 non-polymer 4-cyano-N-{(3S)-3-(4-fluorophenyl)-3-[4-(methylsulfonyl)phenyl]propyl}benzamide
3 water water
#
_entity_poly.entity_id   1
_entity_poly.type   'polypeptide(L)'
_entity_poly.pdbx_seq_one_letter_code
;MTLRAAVFDLDGVLALPAVFGVLGRTEEALALPRGLLNDAFQKGGPEGATTRLMKGEITLSQWIPLMEENCRKCSETAKV
CLPKNFSIKEIFDKAISARKINRPMLQAALMLRKKGFTTAILTNTWLDDRAERDGLAQLMCELKMHFDFLIESCQVGMVK
PEPQIYKFLLDTLKASPSEVVFLDDIGANLKPARDLGMVTILVQDTDTALKELEKVTGIQLLNTPAPLPTSCNPSDMSHG
YVTVKPRVRLHFVELGSGPAVCLCHGFPESWYSWRYQIPALAQAGYRVLAMDMKGYGESSAPPEIEEYCMEVLCKEMVTF
LDKLGLSQAVFIGHDWGGMLVWYMALFYPERVRAVASLNTPFIPANPNMSPLESIKANPVFDYQLYFQEPGVAEAELEQN
LSRTFKSLFRASDESVLSMHKVCEAGGLFVNSPEEPSLSRMVTEEEIQFYVQQFKKSGFRGPLNWYRNMERNWKWACKSL
GRKILIPALMVTAEKDFVLVPQMSQHMEDWIPHLKRGHIEDCGHWTQMDKPTEVNQILIKWLDSDARNPPVVSKM
;
_entity_poly.pdbx_strand_id   A
#
loop_
_chem_comp.id
_chem_comp.type
_chem_comp.name
_chem_comp.formula
34N non-polymer 4-cyano-N-{(3S)-3-(4-fluorophenyl)-3-[4-(methylsulfonyl)phenyl]propyl}benzamide 'C24 H21 F N2 O3 S'
#
# COMPACT_ATOMS: atom_id res chain seq x y z
N ARG A 4 -7.07 2.33 26.66
CA ARG A 4 -8.15 1.41 26.33
C ARG A 4 -7.73 0.37 25.28
N ALA A 5 -8.45 -0.75 25.28
CA ALA A 5 -8.15 -1.81 24.33
C ALA A 5 -9.39 -2.27 23.62
N ALA A 6 -9.20 -2.78 22.40
CA ALA A 6 -10.31 -3.39 21.68
C ALA A 6 -9.85 -4.71 21.10
N VAL A 7 -10.67 -5.74 21.26
CA VAL A 7 -10.28 -7.06 20.83
C VAL A 7 -11.36 -7.58 19.90
N PHE A 8 -10.94 -8.08 18.74
CA PHE A 8 -11.88 -8.57 17.72
C PHE A 8 -11.64 -10.04 17.45
N ASP A 9 -12.73 -10.78 17.33
CA ASP A 9 -12.68 -12.15 16.83
C ASP A 9 -12.38 -12.08 15.32
N LEU A 10 -12.02 -13.20 14.71
CA LEU A 10 -11.85 -13.22 13.25
C LEU A 10 -13.13 -13.69 12.56
N ASP A 11 -13.49 -14.94 12.74
CA ASP A 11 -14.67 -15.49 12.06
C ASP A 11 -15.97 -14.87 12.55
N GLY A 12 -16.70 -14.25 11.63
CA GLY A 12 -17.98 -13.65 11.94
C GLY A 12 -17.86 -12.24 12.48
N VAL A 13 -16.64 -11.71 12.50
CA VAL A 13 -16.41 -10.35 13.00
C VAL A 13 -15.57 -9.52 12.05
N LEU A 14 -14.28 -9.83 11.96
CA LEU A 14 -13.41 -9.19 10.95
C LEU A 14 -13.47 -9.87 9.59
N ALA A 15 -14.07 -11.05 9.54
CA ALA A 15 -14.22 -11.75 8.26
C ALA A 15 -15.59 -12.40 8.11
N LEU A 16 -16.19 -12.20 6.94
CA LEU A 16 -17.52 -12.74 6.66
C LEU A 16 -17.59 -13.35 5.26
N PRO A 17 -18.46 -14.37 5.08
CA PRO A 17 -19.31 -14.95 6.13
C PRO A 17 -18.54 -15.85 7.07
N ALA A 18 -19.03 -16.03 8.29
CA ALA A 18 -18.41 -16.93 9.24
C ALA A 18 -18.39 -18.32 8.66
N VAL A 19 -17.19 -18.89 8.50
CA VAL A 19 -17.05 -20.23 7.97
C VAL A 19 -18.09 -21.14 8.63
N PHE A 20 -18.28 -20.96 9.94
CA PHE A 20 -19.25 -21.72 10.71
C PHE A 20 -20.67 -21.63 10.15
N GLY A 21 -20.97 -20.54 9.45
CA GLY A 21 -22.28 -20.34 8.86
C GLY A 21 -22.47 -21.08 7.55
N VAL A 22 -21.39 -21.69 7.06
CA VAL A 22 -21.46 -22.52 5.85
C VAL A 22 -22.03 -23.89 6.18
N LEU A 23 -21.78 -24.36 7.39
CA LEU A 23 -22.35 -25.63 7.81
C LEU A 23 -23.86 -25.55 7.65
N GLY A 24 -24.44 -24.46 8.14
CA GLY A 24 -25.88 -24.27 8.04
C GLY A 24 -26.40 -24.23 6.62
N ARG A 25 -25.74 -23.47 5.76
CA ARG A 25 -26.16 -23.37 4.36
C ARG A 25 -25.92 -24.69 3.64
N THR A 26 -24.84 -25.36 3.99
CA THR A 26 -24.55 -26.66 3.39
C THR A 26 -25.61 -27.69 3.73
N GLU A 27 -26.04 -27.72 5.00
CA GLU A 27 -27.08 -28.62 5.47
C GLU A 27 -28.33 -28.45 4.61
N GLU A 28 -28.73 -27.21 4.41
CA GLU A 28 -29.91 -26.91 3.61
C GLU A 28 -29.76 -27.38 2.17
N ALA A 29 -28.66 -26.99 1.52
CA ALA A 29 -28.42 -27.39 0.14
C ALA A 29 -28.51 -28.90 -0.03
N LEU A 30 -27.96 -29.64 0.92
CA LEU A 30 -27.95 -31.09 0.82
C LEU A 30 -29.22 -31.67 1.41
N ALA A 31 -30.09 -30.79 1.88
CA ALA A 31 -31.33 -31.23 2.52
C ALA A 31 -31.04 -32.17 3.69
N LEU A 32 -30.02 -31.85 4.47
CA LEU A 32 -29.72 -32.65 5.66
C LEU A 32 -30.49 -32.09 6.85
N PRO A 33 -30.65 -32.90 7.92
CA PRO A 33 -31.32 -32.38 9.11
C PRO A 33 -30.59 -31.15 9.63
N ARG A 34 -31.37 -30.16 10.05
CA ARG A 34 -30.84 -28.93 10.62
C ARG A 34 -29.88 -29.25 11.76
N GLY A 35 -28.71 -28.62 11.72
CA GLY A 35 -27.77 -28.71 12.83
C GLY A 35 -26.86 -29.92 12.79
N LEU A 36 -27.13 -30.88 11.91
CA LEU A 36 -26.33 -32.09 11.81
C LEU A 36 -24.82 -31.80 11.69
N LEU A 37 -24.49 -30.93 10.75
CA LEU A 37 -23.10 -30.62 10.49
C LEU A 37 -22.48 -29.86 11.65
N ASN A 38 -23.23 -28.93 12.23
CA ASN A 38 -22.72 -28.16 13.35
C ASN A 38 -22.52 -29.05 14.58
N ASP A 39 -23.38 -30.05 14.69
CA ASP A 39 -23.31 -31.03 15.76
C ASP A 39 -22.05 -31.89 15.64
N ALA A 40 -21.80 -32.40 14.43
CA ALA A 40 -20.62 -33.23 14.17
C ALA A 40 -19.35 -32.42 14.42
N PHE A 41 -19.39 -31.14 14.06
CA PHE A 41 -18.27 -30.24 14.21
C PHE A 41 -17.86 -30.06 15.68
N GLN A 42 -18.83 -29.96 16.58
CA GLN A 42 -18.51 -29.72 17.98
C GLN A 42 -18.48 -31.00 18.82
N LYS A 43 -18.81 -32.13 18.18
CA LYS A 43 -18.91 -33.39 18.92
C LYS A 43 -17.74 -33.64 19.85
N GLY A 44 -18.04 -34.04 21.09
CA GLY A 44 -17.02 -34.38 22.06
C GLY A 44 -16.59 -33.18 22.90
N GLY A 45 -17.08 -32.00 22.53
CA GLY A 45 -16.79 -30.80 23.29
C GLY A 45 -15.31 -30.68 23.58
N PRO A 46 -14.96 -30.28 24.82
CA PRO A 46 -13.58 -30.06 25.27
C PRO A 46 -12.60 -31.15 24.85
N GLU A 47 -13.05 -32.39 24.76
CA GLU A 47 -12.13 -33.47 24.40
C GLU A 47 -12.26 -33.96 22.95
N GLY A 48 -13.09 -33.30 22.16
CA GLY A 48 -13.38 -33.74 20.81
C GLY A 48 -12.34 -33.35 19.77
N ALA A 49 -12.50 -33.84 18.55
CA ALA A 49 -11.50 -33.64 17.50
C ALA A 49 -11.27 -32.16 17.21
N THR A 50 -12.35 -31.38 17.19
CA THR A 50 -12.24 -29.98 16.80
C THR A 50 -11.48 -29.16 17.84
N THR A 51 -11.65 -29.48 19.11
CA THR A 51 -10.88 -28.77 20.14
C THR A 51 -9.37 -29.09 20.02
N ARG A 52 -9.05 -30.34 19.74
CA ARG A 52 -7.65 -30.71 19.48
C ARG A 52 -7.08 -29.88 18.34
N LEU A 53 -7.85 -29.79 17.26
CA LEU A 53 -7.49 -28.94 16.15
C LEU A 53 -7.22 -27.49 16.56
N MET A 54 -8.15 -26.89 17.30
CA MET A 54 -7.99 -25.47 17.64
C MET A 54 -6.88 -25.19 18.67
N LYS A 55 -6.49 -26.22 19.42
CA LYS A 55 -5.37 -26.07 20.34
C LYS A 55 -4.02 -26.33 19.67
N GLY A 56 -4.03 -26.73 18.40
CA GLY A 56 -2.79 -26.99 17.67
C GLY A 56 -2.24 -28.39 17.86
N GLU A 57 -3.06 -29.30 18.36
CA GLU A 57 -2.62 -30.68 18.61
C GLU A 57 -2.44 -31.46 17.31
N ILE A 58 -3.28 -31.13 16.34
CA ILE A 58 -3.27 -31.77 15.03
C ILE A 58 -3.53 -30.69 13.98
N THR A 59 -3.21 -30.99 12.72
CA THR A 59 -3.43 -30.06 11.63
C THR A 59 -4.79 -30.24 10.99
N LEU A 60 -5.18 -29.27 10.17
CA LEU A 60 -6.46 -29.32 9.50
C LEU A 60 -6.63 -30.59 8.65
N SER A 61 -5.57 -31.02 7.96
CA SER A 61 -5.67 -32.22 7.13
C SER A 61 -5.82 -33.50 7.93
N GLN A 62 -5.21 -33.56 9.13
CA GLN A 62 -5.47 -34.68 10.03
C GLN A 62 -6.91 -34.63 10.57
N TRP A 63 -7.46 -33.43 10.68
CA TRP A 63 -8.79 -33.26 11.27
C TRP A 63 -9.93 -33.71 10.34
N ILE A 64 -9.78 -33.45 9.04
CA ILE A 64 -10.80 -33.79 8.04
C ILE A 64 -11.40 -35.19 8.24
N PRO A 65 -10.56 -36.25 8.27
CA PRO A 65 -11.04 -37.61 8.50
C PRO A 65 -11.81 -37.77 9.80
N LEU A 66 -11.36 -37.07 10.84
CA LEU A 66 -12.04 -37.16 12.12
C LEU A 66 -13.43 -36.55 12.01
N MET A 67 -13.52 -35.43 11.30
CA MET A 67 -14.80 -34.76 11.09
C MET A 67 -15.77 -35.63 10.27
N GLU A 68 -15.26 -36.27 9.22
CA GLU A 68 -16.02 -37.26 8.45
C GLU A 68 -16.67 -38.30 9.37
N GLU A 69 -15.87 -38.86 10.26
CA GLU A 69 -16.34 -39.90 11.16
C GLU A 69 -17.46 -39.37 12.03
N ASN A 70 -17.33 -38.14 12.52
CA ASN A 70 -18.38 -37.58 13.38
C ASN A 70 -19.67 -37.38 12.57
N CYS A 71 -19.50 -36.98 11.31
CA CYS A 71 -20.66 -36.80 10.45
C CYS A 71 -21.41 -38.12 10.23
N ARG A 72 -20.66 -39.21 10.04
CA ARG A 72 -21.29 -40.52 9.88
C ARG A 72 -22.05 -40.94 11.14
N LYS A 73 -21.44 -40.72 12.30
CA LYS A 73 -22.08 -41.09 13.56
C LYS A 73 -23.38 -40.30 13.78
N CYS A 74 -23.32 -39.00 13.53
CA CYS A 74 -24.48 -38.12 13.68
C CYS A 74 -25.61 -38.51 12.73
N SER A 75 -25.28 -38.79 11.48
CA SER A 75 -26.28 -39.19 10.49
C SER A 75 -26.90 -40.53 10.88
N GLU A 76 -26.07 -41.44 11.37
CA GLU A 76 -26.53 -42.74 11.87
C GLU A 76 -27.58 -42.55 12.95
N THR A 77 -27.28 -41.71 13.92
CA THR A 77 -28.17 -41.47 15.06
C THR A 77 -29.48 -40.81 14.61
N ALA A 78 -29.36 -39.85 13.71
CA ALA A 78 -30.51 -39.13 13.15
C ALA A 78 -31.27 -39.98 12.11
N LYS A 79 -30.80 -41.20 11.85
CA LYS A 79 -31.50 -42.09 10.93
C LYS A 79 -31.60 -41.50 9.52
N VAL A 80 -30.57 -40.75 9.13
CA VAL A 80 -30.52 -40.18 7.79
C VAL A 80 -29.27 -40.70 7.09
N CYS A 81 -29.25 -40.58 5.77
CA CYS A 81 -28.10 -40.96 4.97
C CYS A 81 -27.43 -39.70 4.42
N LEU A 82 -26.11 -39.69 4.42
CA LEU A 82 -25.40 -38.58 3.78
C LEU A 82 -25.18 -38.87 2.28
N PRO A 83 -25.18 -37.80 1.46
CA PRO A 83 -25.11 -37.88 -0.01
C PRO A 83 -23.99 -38.78 -0.52
N LYS A 84 -24.06 -39.18 -1.78
CA LYS A 84 -23.08 -40.10 -2.36
C LYS A 84 -21.65 -39.58 -2.33
N ASN A 85 -21.44 -38.34 -2.78
CA ASN A 85 -20.09 -37.78 -2.78
C ASN A 85 -19.91 -36.70 -1.71
N PHE A 86 -20.51 -36.95 -0.55
CA PHE A 86 -20.33 -36.05 0.59
C PHE A 86 -18.84 -35.90 0.91
N SER A 87 -18.36 -34.66 0.94
CA SER A 87 -16.93 -34.39 1.16
C SER A 87 -16.66 -33.16 2.04
N ILE A 88 -16.19 -33.43 3.25
CA ILE A 88 -15.88 -32.35 4.17
C ILE A 88 -14.74 -31.49 3.65
N LYS A 89 -13.76 -32.13 3.01
CA LYS A 89 -12.67 -31.37 2.39
C LYS A 89 -13.23 -30.27 1.49
N GLU A 90 -14.08 -30.65 0.54
CA GLU A 90 -14.65 -29.70 -0.42
C GLU A 90 -15.46 -28.60 0.24
N ILE A 91 -16.28 -28.98 1.22
CA ILE A 91 -17.13 -28.02 1.91
C ILE A 91 -16.34 -26.91 2.58
N PHE A 92 -15.28 -27.27 3.28
CA PHE A 92 -14.48 -26.27 3.97
C PHE A 92 -13.60 -25.46 3.05
N ASP A 93 -13.08 -26.10 2.00
CA ASP A 93 -12.35 -25.36 0.96
C ASP A 93 -13.15 -24.14 0.52
N LYS A 94 -14.42 -24.37 0.19
CA LYS A 94 -15.31 -23.33 -0.32
C LYS A 94 -15.63 -22.27 0.74
N ALA A 95 -15.97 -22.72 1.94
CA ALA A 95 -16.27 -21.82 3.05
C ALA A 95 -15.10 -20.88 3.33
N ILE A 96 -13.91 -21.46 3.41
CA ILE A 96 -12.70 -20.69 3.72
C ILE A 96 -12.43 -19.68 2.62
N SER A 97 -12.59 -20.09 1.37
CA SER A 97 -12.32 -19.21 0.25
C SER A 97 -13.36 -18.08 0.15
N ALA A 98 -14.60 -18.38 0.51
CA ALA A 98 -15.68 -17.39 0.42
C ALA A 98 -15.47 -16.25 1.40
N ARG A 99 -14.81 -16.55 2.51
CA ARG A 99 -14.63 -15.56 3.57
C ARG A 99 -13.78 -14.37 3.15
N LYS A 100 -14.34 -13.17 3.27
CA LYS A 100 -13.63 -11.95 2.88
C LYS A 100 -13.57 -11.04 4.09
N ILE A 101 -12.67 -10.06 4.06
CA ILE A 101 -12.55 -9.10 5.14
C ILE A 101 -13.81 -8.25 5.22
N ASN A 102 -14.28 -8.03 6.45
CA ASN A 102 -15.40 -7.15 6.72
C ASN A 102 -14.86 -5.72 6.80
N ARG A 103 -14.96 -5.00 5.71
CA ARG A 103 -14.27 -3.71 5.59
C ARG A 103 -14.67 -2.68 6.63
N PRO A 104 -15.98 -2.56 6.93
CA PRO A 104 -16.38 -1.59 7.94
C PRO A 104 -15.85 -1.92 9.34
N MET A 105 -15.75 -3.20 9.69
CA MET A 105 -15.22 -3.57 10.99
C MET A 105 -13.72 -3.24 11.05
N LEU A 106 -12.97 -3.66 10.04
CA LEU A 106 -11.57 -3.27 9.90
C LEU A 106 -11.41 -1.76 10.06
N GLN A 107 -12.24 -0.99 9.35
CA GLN A 107 -12.13 0.46 9.40
C GLN A 107 -12.29 0.98 10.82
N ALA A 108 -13.26 0.42 11.55
CA ALA A 108 -13.45 0.81 12.93
C ALA A 108 -12.18 0.49 13.74
N ALA A 109 -11.64 -0.71 13.54
CA ALA A 109 -10.42 -1.09 14.24
C ALA A 109 -9.26 -0.10 13.97
N LEU A 110 -9.16 0.37 12.73
CA LEU A 110 -8.10 1.29 12.37
C LEU A 110 -8.28 2.63 13.05
N MET A 111 -9.54 3.08 13.13
CA MET A 111 -9.85 4.34 13.80
C MET A 111 -9.49 4.30 15.28
N LEU A 112 -9.85 3.19 15.93
CA LEU A 112 -9.58 3.03 17.36
C LEU A 112 -8.09 3.06 17.64
N ARG A 113 -7.32 2.34 16.83
CA ARG A 113 -5.88 2.34 16.98
C ARG A 113 -5.30 3.74 16.74
N LYS A 114 -5.80 4.39 15.71
CA LYS A 114 -5.38 5.75 15.37
C LYS A 114 -5.61 6.69 16.55
N LYS A 115 -6.72 6.49 17.25
CA LYS A 115 -7.06 7.31 18.40
C LYS A 115 -6.41 6.83 19.70
N GLY A 116 -5.48 5.87 19.60
CA GLY A 116 -4.68 5.48 20.74
C GLY A 116 -5.03 4.18 21.44
N PHE A 117 -5.99 3.43 20.89
CA PHE A 117 -6.32 2.13 21.44
C PHE A 117 -5.26 1.11 21.07
N THR A 118 -5.01 0.16 21.97
CA THR A 118 -4.25 -1.03 21.63
C THR A 118 -5.25 -2.05 21.09
N THR A 119 -4.95 -2.66 19.96
CA THR A 119 -5.93 -3.55 19.33
C THR A 119 -5.38 -4.94 19.12
N ALA A 120 -6.27 -5.92 19.06
CA ALA A 120 -5.85 -7.29 18.94
C ALA A 120 -6.93 -8.11 18.28
N ILE A 121 -6.50 -9.18 17.63
CA ILE A 121 -7.40 -10.22 17.16
C ILE A 121 -7.16 -11.42 18.04
N LEU A 122 -8.24 -11.96 18.58
CA LEU A 122 -8.21 -13.18 19.35
C LEU A 122 -9.09 -14.18 18.61
N THR A 123 -8.50 -15.27 18.15
CA THR A 123 -9.26 -16.18 17.31
C THR A 123 -9.01 -17.64 17.63
N ASN A 124 -10.09 -18.42 17.64
CA ASN A 124 -9.97 -19.86 17.59
C ASN A 124 -9.67 -20.23 16.14
N THR A 125 -8.48 -20.74 15.85
CA THR A 125 -8.11 -21.09 14.48
C THR A 125 -7.22 -22.32 14.47
N TRP A 126 -6.81 -22.76 13.28
CA TRP A 126 -6.17 -24.06 13.10
C TRP A 126 -4.84 -23.93 12.33
N LEU A 127 -4.02 -24.97 12.40
CA LEU A 127 -2.83 -25.06 11.55
C LEU A 127 -3.26 -25.58 10.19
N ASP A 128 -3.14 -24.76 9.15
CA ASP A 128 -3.71 -25.12 7.85
C ASP A 128 -2.63 -25.63 6.90
N ASP A 129 -2.65 -26.95 6.64
CA ASP A 129 -1.70 -27.60 5.71
C ASP A 129 -2.35 -28.11 4.42
N ARG A 130 -3.54 -27.59 4.11
CA ARG A 130 -4.21 -27.87 2.84
C ARG A 130 -3.39 -27.39 1.65
N ALA A 131 -3.59 -28.01 0.49
CA ALA A 131 -2.94 -27.52 -0.72
C ALA A 131 -3.30 -26.07 -1.02
N GLU A 132 -4.51 -25.63 -0.64
CA GLU A 132 -4.95 -24.25 -0.91
C GLU A 132 -4.80 -23.29 0.28
N ARG A 133 -3.93 -23.65 1.20
CA ARG A 133 -3.76 -22.89 2.45
C ARG A 133 -3.34 -21.43 2.21
N ASP A 134 -2.71 -21.14 1.07
CA ASP A 134 -2.21 -19.80 0.81
C ASP A 134 -3.29 -18.72 0.79
N GLY A 135 -4.50 -19.08 0.38
CA GLY A 135 -5.60 -18.13 0.38
C GLY A 135 -5.84 -17.55 1.77
N LEU A 136 -5.89 -18.43 2.75
CA LEU A 136 -6.04 -18.01 4.15
C LEU A 136 -4.82 -17.24 4.60
N ALA A 137 -3.64 -17.74 4.23
CA ALA A 137 -2.39 -17.09 4.60
C ALA A 137 -2.44 -15.64 4.16
N GLN A 138 -2.90 -15.40 2.94
CA GLN A 138 -3.03 -14.04 2.44
C GLN A 138 -4.07 -13.21 3.22
N LEU A 139 -5.19 -13.82 3.61
CA LEU A 139 -6.18 -13.08 4.43
C LEU A 139 -5.59 -12.61 5.75
N MET A 140 -4.98 -13.53 6.48
CA MET A 140 -4.44 -13.22 7.79
C MET A 140 -3.39 -12.12 7.68
N CYS A 141 -2.54 -12.22 6.65
CA CYS A 141 -1.49 -11.22 6.44
C CYS A 141 -2.05 -9.80 6.28
N GLU A 142 -3.05 -9.66 5.41
CA GLU A 142 -3.66 -8.36 5.20
C GLU A 142 -4.28 -7.79 6.47
N LEU A 143 -4.99 -8.63 7.23
CA LEU A 143 -5.63 -8.19 8.48
C LEU A 143 -4.62 -7.86 9.58
N LYS A 144 -3.70 -8.79 9.80
CA LYS A 144 -2.85 -8.78 10.97
C LYS A 144 -1.94 -7.58 11.09
N MET A 145 -1.56 -7.00 9.95
CA MET A 145 -0.69 -5.83 9.92
C MET A 145 -1.35 -4.60 10.54
N HIS A 146 -2.68 -4.61 10.66
CA HIS A 146 -3.40 -3.46 11.18
C HIS A 146 -3.61 -3.53 12.68
N PHE A 147 -3.10 -4.59 13.31
CA PHE A 147 -3.35 -4.80 14.74
C PHE A 147 -2.07 -4.90 15.54
N ASP A 148 -2.15 -4.57 16.82
CA ASP A 148 -0.96 -4.65 17.69
C ASP A 148 -0.59 -6.09 18.02
N PHE A 149 -1.60 -6.94 18.15
CA PHE A 149 -1.39 -8.36 18.49
C PHE A 149 -2.38 -9.25 17.76
N LEU A 150 -1.93 -10.46 17.46
CA LEU A 150 -2.80 -11.52 16.97
C LEU A 150 -2.56 -12.71 17.88
N ILE A 151 -3.62 -13.18 18.52
CA ILE A 151 -3.51 -14.34 19.39
C ILE A 151 -4.31 -15.46 18.75
N GLU A 152 -3.63 -16.55 18.37
CA GLU A 152 -4.30 -17.68 17.73
C GLU A 152 -4.30 -18.89 18.65
N SER A 153 -5.48 -19.47 18.84
CA SER A 153 -5.62 -20.63 19.70
C SER A 153 -4.58 -21.71 19.41
N CYS A 154 -4.33 -22.01 18.12
CA CYS A 154 -3.48 -23.15 17.78
C CYS A 154 -2.00 -22.91 18.09
N GLN A 155 -1.62 -21.64 18.27
CA GLN A 155 -0.26 -21.30 18.67
C GLN A 155 -0.08 -21.27 20.20
N VAL A 156 -1.10 -20.81 20.92
CA VAL A 156 -1.01 -20.73 22.39
C VAL A 156 -1.50 -21.99 23.12
N GLY A 157 -2.10 -22.92 22.40
CA GLY A 157 -2.57 -24.18 22.96
C GLY A 157 -3.76 -24.03 23.90
N MET A 158 -4.53 -22.96 23.68
CA MET A 158 -5.70 -22.66 24.50
C MET A 158 -6.83 -22.25 23.58
N VAL A 159 -8.07 -22.41 24.05
CA VAL A 159 -9.18 -22.06 23.17
C VAL A 159 -10.27 -21.29 23.91
N LYS A 160 -10.89 -20.35 23.23
CA LYS A 160 -12.15 -19.80 23.75
C LYS A 160 -13.15 -20.95 23.78
N PRO A 161 -13.99 -21.02 24.82
CA PRO A 161 -14.15 -20.07 25.92
C PRO A 161 -13.41 -20.46 27.21
N GLU A 162 -12.26 -21.11 27.13
CA GLU A 162 -11.51 -21.45 28.34
C GLU A 162 -11.02 -20.17 29.00
N PRO A 163 -11.21 -20.08 30.33
CA PRO A 163 -10.90 -18.84 31.06
C PRO A 163 -9.44 -18.41 30.91
N GLN A 164 -8.54 -19.38 30.76
CA GLN A 164 -7.11 -19.09 30.70
C GLN A 164 -6.72 -18.23 29.49
N ILE A 165 -7.41 -18.38 28.37
CA ILE A 165 -7.02 -17.61 27.20
C ILE A 165 -7.36 -16.13 27.40
N TYR A 166 -8.43 -15.87 28.15
CA TYR A 166 -8.82 -14.49 28.45
C TYR A 166 -7.81 -13.79 29.37
N LYS A 167 -7.31 -14.54 30.35
CA LYS A 167 -6.24 -14.05 31.21
C LYS A 167 -4.98 -13.80 30.39
N PHE A 168 -4.71 -14.69 29.44
CA PHE A 168 -3.54 -14.54 28.56
C PHE A 168 -3.68 -13.29 27.69
N LEU A 169 -4.90 -13.05 27.23
CA LEU A 169 -5.19 -11.85 26.43
C LEU A 169 -4.87 -10.58 27.21
N LEU A 170 -5.41 -10.51 28.44
CA LEU A 170 -5.23 -9.36 29.32
C LEU A 170 -3.76 -9.13 29.64
N ASP A 171 -3.04 -10.22 29.84
CA ASP A 171 -1.62 -10.14 30.07
C ASP A 171 -0.87 -9.54 28.88
N THR A 172 -1.17 -10.00 27.66
CA THR A 172 -0.45 -9.41 26.53
C THR A 172 -0.91 -7.99 26.21
N LEU A 173 -2.18 -7.69 26.45
CA LEU A 173 -2.68 -6.32 26.36
C LEU A 173 -2.10 -5.41 27.46
N LYS A 174 -1.58 -6.00 28.53
CA LYS A 174 -1.13 -5.21 29.68
C LYS A 174 -2.24 -4.22 30.08
N ALA A 175 -3.45 -4.73 30.27
CA ALA A 175 -4.59 -3.90 30.62
C ALA A 175 -5.53 -4.62 31.59
N SER A 176 -6.32 -3.86 32.33
CA SER A 176 -7.29 -4.47 33.24
C SER A 176 -8.59 -4.68 32.46
N PRO A 177 -9.38 -5.68 32.86
CA PRO A 177 -10.61 -6.04 32.16
C PRO A 177 -11.50 -4.84 31.85
N SER A 178 -11.70 -3.94 32.82
CA SER A 178 -12.61 -2.81 32.63
C SER A 178 -12.14 -1.82 31.56
N GLU A 179 -10.89 -1.97 31.16
CA GLU A 179 -10.29 -1.11 30.13
C GLU A 179 -10.43 -1.69 28.71
N VAL A 180 -11.04 -2.86 28.59
CA VAL A 180 -11.10 -3.54 27.30
C VAL A 180 -12.50 -3.80 26.77
N VAL A 181 -12.68 -3.57 25.47
CA VAL A 181 -13.88 -3.99 24.77
C VAL A 181 -13.56 -5.21 23.92
N PHE A 182 -14.48 -6.17 23.93
CA PHE A 182 -14.28 -7.47 23.31
C PHE A 182 -15.48 -7.74 22.42
N LEU A 183 -15.24 -7.89 21.12
CA LEU A 183 -16.32 -8.14 20.16
C LEU A 183 -16.22 -9.57 19.66
N ASP A 184 -17.35 -10.28 19.63
CA ASP A 184 -17.35 -11.66 19.18
C ASP A 184 -18.75 -11.97 18.65
N ASP A 185 -18.86 -12.91 17.72
CA ASP A 185 -20.19 -13.28 17.22
C ASP A 185 -20.79 -14.49 17.96
N ILE A 186 -20.02 -15.08 18.86
CA ILE A 186 -20.44 -16.27 19.58
C ILE A 186 -20.66 -15.97 21.04
N GLY A 187 -21.93 -15.92 21.46
CA GLY A 187 -22.27 -15.55 22.83
C GLY A 187 -21.55 -16.32 23.92
N ALA A 188 -21.40 -17.62 23.72
CA ALA A 188 -20.70 -18.44 24.72
C ALA A 188 -19.26 -17.93 24.94
N ASN A 189 -18.64 -17.41 23.88
CA ASN A 189 -17.26 -16.98 23.97
C ASN A 189 -17.11 -15.60 24.57
N LEU A 190 -18.23 -14.89 24.65
CA LEU A 190 -18.26 -13.57 25.28
C LEU A 190 -18.37 -13.67 26.79
N LYS A 191 -19.07 -14.69 27.28
CA LYS A 191 -19.34 -14.79 28.72
C LYS A 191 -18.10 -14.67 29.61
N PRO A 192 -17.02 -15.41 29.30
CA PRO A 192 -15.87 -15.35 30.21
C PRO A 192 -15.26 -13.96 30.23
N ALA A 193 -15.37 -13.27 29.09
CA ALA A 193 -14.91 -11.89 29.00
C ALA A 193 -15.77 -11.02 29.91
N ARG A 194 -17.09 -11.14 29.75
CA ARG A 194 -18.04 -10.42 30.60
C ARG A 194 -17.80 -10.76 32.09
N ASP A 195 -17.65 -12.05 32.37
CA ASP A 195 -17.40 -12.50 33.74
C ASP A 195 -16.16 -11.80 34.33
N LEU A 196 -15.15 -11.59 33.51
CA LEU A 196 -13.92 -10.95 33.97
C LEU A 196 -14.10 -9.44 34.10
N GLY A 197 -15.22 -8.94 33.58
CA GLY A 197 -15.54 -7.52 33.70
C GLY A 197 -15.22 -6.65 32.49
N MET A 198 -14.89 -7.26 31.36
CA MET A 198 -14.66 -6.40 30.19
C MET A 198 -15.98 -6.09 29.43
N VAL A 199 -15.99 -4.99 28.69
CA VAL A 199 -17.17 -4.62 27.92
C VAL A 199 -17.24 -5.58 26.75
N THR A 200 -18.42 -6.11 26.47
CA THR A 200 -18.53 -7.12 25.45
C THR A 200 -19.60 -6.73 24.46
N ILE A 201 -19.36 -7.02 23.19
CA ILE A 201 -20.33 -6.74 22.15
C ILE A 201 -20.61 -8.00 21.35
N LEU A 202 -21.88 -8.39 21.29
CA LEU A 202 -22.32 -9.55 20.56
C LEU A 202 -22.59 -9.15 19.12
N VAL A 203 -21.71 -9.54 18.21
CA VAL A 203 -21.82 -9.12 16.82
C VAL A 203 -22.76 -10.02 16.02
N GLN A 204 -23.92 -9.48 15.68
CA GLN A 204 -24.74 -10.09 14.64
C GLN A 204 -24.50 -9.26 13.39
N ASP A 205 -25.30 -8.22 13.19
CA ASP A 205 -25.07 -7.32 12.06
C ASP A 205 -24.00 -6.32 12.43
N THR A 206 -23.10 -6.05 11.50
CA THR A 206 -21.96 -5.19 11.76
C THR A 206 -22.36 -3.78 12.19
N ASP A 207 -23.36 -3.21 11.55
CA ASP A 207 -23.76 -1.83 11.86
C ASP A 207 -24.21 -1.62 13.31
N THR A 208 -24.99 -2.56 13.83
CA THR A 208 -25.45 -2.43 15.22
C THR A 208 -24.26 -2.57 16.16
N ALA A 209 -23.36 -3.47 15.81
CA ALA A 209 -22.16 -3.70 16.62
C ALA A 209 -21.30 -2.44 16.71
N LEU A 210 -21.14 -1.75 15.59
CA LEU A 210 -20.36 -0.51 15.56
C LEU A 210 -21.09 0.61 16.27
N LYS A 211 -22.42 0.57 16.23
CA LYS A 211 -23.20 1.53 17.00
C LYS A 211 -22.89 1.35 18.49
N GLU A 212 -22.95 0.11 18.98
CA GLU A 212 -22.64 -0.17 20.37
C GLU A 212 -21.19 0.21 20.66
N LEU A 213 -20.30 -0.05 19.70
CA LEU A 213 -18.88 0.23 19.88
C LEU A 213 -18.58 1.73 19.98
N GLU A 214 -19.23 2.56 19.16
CA GLU A 214 -18.94 3.98 19.24
C GLU A 214 -19.57 4.58 20.48
N LYS A 215 -20.72 4.05 20.88
CA LYS A 215 -21.38 4.52 22.08
C LYS A 215 -20.47 4.30 23.27
N VAL A 216 -19.83 3.14 23.34
CA VAL A 216 -19.04 2.85 24.54
C VAL A 216 -17.64 3.46 24.51
N THR A 217 -17.05 3.65 23.33
CA THR A 217 -15.72 4.26 23.27
C THR A 217 -15.78 5.78 23.20
N GLY A 218 -16.93 6.32 22.81
CA GLY A 218 -17.07 7.75 22.59
C GLY A 218 -16.35 8.27 21.35
N ILE A 219 -16.06 7.39 20.42
CA ILE A 219 -15.37 7.72 19.17
C ILE A 219 -16.23 7.39 17.94
N GLN A 220 -16.34 8.32 16.99
CA GLN A 220 -17.10 8.06 15.77
C GLN A 220 -16.48 6.97 14.89
N LEU A 221 -17.23 5.90 14.65
CA LEU A 221 -16.73 4.77 13.89
C LEU A 221 -17.66 4.53 12.73
N LEU A 222 -18.91 4.93 12.89
CA LEU A 222 -19.92 4.66 11.88
C LEU A 222 -20.07 5.87 11.00
N ASN A 223 -20.21 5.63 9.70
CA ASN A 223 -20.43 6.70 8.71
C ASN A 223 -19.43 7.87 8.79
N THR A 224 -18.19 7.55 9.13
CA THR A 224 -17.08 8.51 9.12
C THR A 224 -16.61 8.80 7.70
N PRO A 225 -15.82 9.88 7.50
CA PRO A 225 -15.30 10.16 6.16
C PRO A 225 -14.43 9.02 5.61
N ALA A 226 -14.28 8.98 4.30
CA ALA A 226 -13.41 8.00 3.65
C ALA A 226 -11.99 8.11 4.22
N PRO A 227 -11.46 7.00 4.73
CA PRO A 227 -10.08 7.01 5.27
C PRO A 227 -9.05 7.04 4.14
N LEU A 228 -7.82 7.45 4.43
CA LEU A 228 -6.76 7.44 3.44
C LEU A 228 -6.29 5.99 3.26
N PRO A 229 -5.63 5.68 2.14
CA PRO A 229 -5.04 4.33 2.02
C PRO A 229 -4.00 4.11 3.14
N THR A 230 -3.65 2.85 3.39
CA THR A 230 -2.60 2.53 4.37
C THR A 230 -1.28 3.18 3.96
N SER A 231 -0.53 3.68 4.94
CA SER A 231 0.72 4.35 4.65
C SER A 231 1.90 3.41 5.00
N CYS A 232 3.13 3.92 4.93
CA CYS A 232 4.32 3.12 5.28
C CYS A 232 5.01 3.70 6.48
N ASN A 233 5.40 2.85 7.42
CA ASN A 233 6.30 3.25 8.49
C ASN A 233 7.70 2.85 8.03
N PRO A 234 8.59 3.83 7.81
CA PRO A 234 9.89 3.48 7.21
C PRO A 234 10.60 2.36 7.98
N SER A 235 10.48 2.35 9.31
CA SER A 235 11.14 1.35 10.15
C SER A 235 10.62 -0.05 9.97
N ASP A 236 9.44 -0.19 9.40
CA ASP A 236 8.83 -1.50 9.23
C ASP A 236 9.05 -2.07 7.81
N MET A 237 9.79 -1.36 6.98
CA MET A 237 9.87 -1.80 5.59
C MET A 237 11.16 -2.58 5.36
N SER A 238 11.17 -3.41 4.32
CA SER A 238 12.40 -4.04 3.86
C SER A 238 13.18 -3.06 3.03
N HIS A 239 14.41 -2.78 3.43
CA HIS A 239 15.28 -1.85 2.70
C HIS A 239 16.37 -2.59 1.91
N GLY A 240 16.44 -2.30 0.61
CA GLY A 240 17.42 -2.94 -0.26
C GLY A 240 18.46 -1.98 -0.78
N TYR A 241 19.66 -2.51 -1.05
CA TYR A 241 20.78 -1.73 -1.52
C TYR A 241 21.51 -2.51 -2.61
N VAL A 242 21.75 -1.84 -3.73
CA VAL A 242 22.37 -2.43 -4.91
C VAL A 242 23.45 -1.49 -5.44
N THR A 243 24.67 -2.00 -5.58
CA THR A 243 25.73 -1.19 -6.19
C THR A 243 25.69 -1.34 -7.70
N VAL A 244 25.45 -0.22 -8.40
CA VAL A 244 25.37 -0.24 -9.85
C VAL A 244 26.71 0.10 -10.49
N LYS A 245 27.54 0.84 -9.76
CA LYS A 245 28.87 1.24 -10.21
C LYS A 245 29.74 1.43 -8.97
N PRO A 246 31.07 1.35 -9.15
CA PRO A 246 31.98 1.45 -8.00
C PRO A 246 31.55 2.49 -6.97
N ARG A 247 31.25 3.71 -7.39
CA ARG A 247 30.87 4.71 -6.38
C ARG A 247 29.37 5.00 -6.29
N VAL A 248 28.55 4.13 -6.84
CA VAL A 248 27.11 4.41 -6.86
C VAL A 248 26.30 3.22 -6.39
N ARG A 249 25.49 3.47 -5.37
CA ARG A 249 24.59 2.48 -4.82
C ARG A 249 23.17 3.05 -4.83
N LEU A 250 22.18 2.22 -5.20
CA LEU A 250 20.76 2.65 -5.18
C LEU A 250 20.05 1.94 -4.03
N HIS A 251 19.32 2.72 -3.25
CA HIS A 251 18.52 2.20 -2.16
C HIS A 251 17.07 2.14 -2.60
N PHE A 252 16.37 1.11 -2.13
CA PHE A 252 14.96 0.94 -2.43
C PHE A 252 14.24 0.24 -1.29
N VAL A 253 12.94 0.46 -1.24
CA VAL A 253 12.09 -0.24 -0.31
C VAL A 253 11.29 -1.23 -1.14
N GLU A 254 11.08 -2.41 -0.57
CA GLU A 254 10.48 -3.54 -1.30
C GLU A 254 9.33 -4.16 -0.52
N LEU A 255 8.21 -4.38 -1.19
CA LEU A 255 7.05 -5.00 -0.56
C LEU A 255 6.18 -5.76 -1.56
N GLY A 256 5.80 -6.97 -1.19
CA GLY A 256 4.86 -7.74 -1.99
C GLY A 256 5.52 -8.80 -2.87
N SER A 257 4.68 -9.57 -3.54
CA SER A 257 5.14 -10.57 -4.51
C SER A 257 4.31 -10.41 -5.75
N GLY A 258 4.84 -10.91 -6.88
CA GLY A 258 4.16 -10.80 -8.16
C GLY A 258 5.06 -10.05 -9.11
N PRO A 259 4.49 -9.55 -10.22
CA PRO A 259 5.27 -8.82 -11.23
C PRO A 259 5.95 -7.61 -10.60
N ALA A 260 7.23 -7.39 -10.93
CA ALA A 260 7.98 -6.29 -10.35
C ALA A 260 7.46 -4.94 -10.86
N VAL A 261 7.26 -4.01 -9.93
CA VAL A 261 6.80 -2.66 -10.25
C VAL A 261 7.75 -1.66 -9.61
N CYS A 262 8.46 -0.92 -10.44
CA CYS A 262 9.46 0.02 -9.97
C CYS A 262 8.90 1.46 -9.95
N LEU A 263 8.81 2.04 -8.76
CA LEU A 263 8.28 3.40 -8.61
C LEU A 263 9.41 4.45 -8.55
N CYS A 264 9.31 5.48 -9.39
CA CYS A 264 10.35 6.50 -9.52
C CYS A 264 9.84 7.91 -9.19
N HIS A 265 10.31 8.46 -8.07
CA HIS A 265 9.82 9.73 -7.56
C HIS A 265 10.39 10.94 -8.30
N GLY A 266 9.92 12.13 -7.94
CA GLY A 266 10.32 13.34 -8.63
C GLY A 266 11.19 14.24 -7.76
N PHE A 267 11.28 15.51 -8.16
CA PHE A 267 12.07 16.50 -7.44
C PHE A 267 11.21 17.37 -6.50
N PRO A 268 11.64 17.56 -5.24
CA PRO A 268 12.77 16.93 -4.54
C PRO A 268 12.17 15.97 -3.55
N GLU A 269 12.01 14.71 -3.95
CA GLU A 269 11.20 13.81 -3.13
C GLU A 269 12.00 12.59 -2.63
N SER A 270 11.38 11.41 -2.63
CA SER A 270 11.91 10.26 -1.89
C SER A 270 11.09 9.01 -2.23
N TRP A 271 11.64 7.84 -1.93
CA TRP A 271 10.84 6.62 -1.99
C TRP A 271 9.54 6.83 -1.25
N TYR A 272 9.63 7.59 -0.15
CA TYR A 272 8.52 7.81 0.77
C TYR A 272 7.35 8.57 0.14
N SER A 273 7.61 9.28 -0.96
CA SER A 273 6.52 9.93 -1.68
C SER A 273 5.49 8.93 -2.20
N TRP A 274 5.86 7.66 -2.33
CA TRP A 274 4.93 6.59 -2.74
C TRP A 274 4.28 5.87 -1.55
N ARG A 275 4.43 6.42 -0.35
CA ARG A 275 3.96 5.71 0.84
C ARG A 275 2.51 5.21 0.79
N TYR A 276 1.65 5.93 0.11
CA TYR A 276 0.25 5.54 -0.02
C TYR A 276 0.00 4.49 -1.12
N GLN A 277 0.88 4.36 -2.08
CA GLN A 277 0.71 3.34 -3.10
C GLN A 277 1.40 2.02 -2.82
N ILE A 278 2.44 2.05 -2.04
CA ILE A 278 3.20 0.85 -1.75
C ILE A 278 2.37 -0.27 -1.14
N PRO A 279 1.71 -0.04 -0.04
CA PRO A 279 0.85 -1.11 0.48
C PRO A 279 -0.28 -1.52 -0.46
N ALA A 280 -0.97 -0.57 -1.10
CA ALA A 280 -2.05 -0.87 -2.06
C ALA A 280 -1.58 -1.75 -3.22
N LEU A 281 -0.49 -1.35 -3.86
CA LEU A 281 0.03 -2.12 -4.99
C LEU A 281 0.47 -3.52 -4.59
N ALA A 282 1.15 -3.64 -3.45
CA ALA A 282 1.51 -4.97 -2.94
C ALA A 282 0.27 -5.84 -2.71
N GLN A 283 -0.75 -5.26 -2.05
CA GLN A 283 -1.95 -6.03 -1.73
C GLN A 283 -2.67 -6.45 -3.00
N ALA A 284 -2.51 -5.64 -4.05
CA ALA A 284 -3.10 -5.92 -5.35
C ALA A 284 -2.39 -7.02 -6.13
N GLY A 285 -1.25 -7.48 -5.63
CA GLY A 285 -0.58 -8.63 -6.22
C GLY A 285 0.69 -8.30 -6.99
N TYR A 286 1.38 -7.24 -6.57
CA TYR A 286 2.63 -6.82 -7.22
C TYR A 286 3.81 -6.76 -6.24
N ARG A 287 5.00 -6.90 -6.77
CA ARG A 287 6.22 -6.75 -6.00
C ARG A 287 6.72 -5.35 -6.28
N VAL A 288 6.53 -4.47 -5.30
CA VAL A 288 6.78 -3.06 -5.48
C VAL A 288 8.21 -2.76 -5.06
N LEU A 289 8.93 -2.04 -5.90
CA LEU A 289 10.28 -1.55 -5.59
C LEU A 289 10.27 -0.03 -5.70
N ALA A 290 10.26 0.64 -4.56
CA ALA A 290 10.21 2.10 -4.53
C ALA A 290 11.60 2.66 -4.33
N MET A 291 12.12 3.32 -5.35
CA MET A 291 13.50 3.80 -5.38
C MET A 291 13.71 5.08 -4.59
N ASP A 292 14.90 5.21 -3.98
CA ASP A 292 15.50 6.54 -3.80
C ASP A 292 16.26 6.75 -5.09
N MET A 293 15.87 7.75 -5.87
CA MET A 293 16.52 7.96 -7.15
C MET A 293 17.93 8.48 -6.85
N LYS A 294 18.79 8.41 -7.84
CA LYS A 294 20.16 8.89 -7.70
C LYS A 294 20.18 10.35 -7.25
N GLY A 295 20.95 10.62 -6.20
CA GLY A 295 21.05 11.93 -5.61
C GLY A 295 20.26 12.05 -4.33
N TYR A 296 19.43 11.05 -4.06
CA TYR A 296 18.43 11.15 -2.98
C TYR A 296 18.55 10.15 -1.86
N GLY A 297 18.27 10.60 -0.64
CA GLY A 297 18.07 9.72 0.49
C GLY A 297 19.25 8.79 0.76
N GLU A 298 19.01 7.49 0.78
CA GLU A 298 20.09 6.54 1.01
C GLU A 298 20.80 6.07 -0.27
N SER A 299 20.40 6.57 -1.43
CA SER A 299 21.14 6.33 -2.64
C SER A 299 22.36 7.24 -2.71
N SER A 300 23.37 6.85 -3.48
CA SER A 300 24.58 7.63 -3.64
C SER A 300 24.30 8.97 -4.35
N ALA A 301 25.10 9.98 -4.04
CA ALA A 301 24.94 11.31 -4.61
C ALA A 301 26.28 11.90 -5.03
N PRO A 302 26.84 11.39 -6.13
CA PRO A 302 28.08 11.95 -6.67
C PRO A 302 27.85 13.40 -7.09
N PRO A 303 28.90 14.23 -7.03
CA PRO A 303 28.78 15.67 -7.28
C PRO A 303 28.69 16.05 -8.76
N GLU A 304 29.27 15.25 -9.64
CA GLU A 304 29.42 15.64 -11.04
C GLU A 304 28.05 15.80 -11.70
N ILE A 305 27.86 16.89 -12.43
CA ILE A 305 26.61 17.14 -13.12
C ILE A 305 26.24 16.00 -14.09
N GLU A 306 27.24 15.55 -14.86
CA GLU A 306 27.10 14.51 -15.87
C GLU A 306 26.58 13.18 -15.34
N GLU A 307 26.74 12.94 -14.04
CA GLU A 307 26.24 11.72 -13.42
C GLU A 307 24.70 11.67 -13.40
N TYR A 308 24.06 12.78 -13.76
CA TYR A 308 22.60 12.88 -13.63
C TYR A 308 21.90 13.14 -14.96
N CYS A 309 22.62 12.92 -16.05
CA CYS A 309 21.96 12.96 -17.36
C CYS A 309 21.08 11.71 -17.52
N MET A 310 20.06 11.82 -18.35
CA MET A 310 19.11 10.74 -18.57
C MET A 310 19.75 9.48 -19.10
N GLU A 311 20.74 9.62 -19.98
CA GLU A 311 21.42 8.44 -20.52
C GLU A 311 22.07 7.63 -19.39
N VAL A 312 22.77 8.31 -18.48
CA VAL A 312 23.41 7.59 -17.38
C VAL A 312 22.43 7.08 -16.36
N LEU A 313 21.37 7.85 -16.08
CA LEU A 313 20.38 7.44 -15.10
C LEU A 313 19.66 6.17 -15.58
N CYS A 314 19.29 6.16 -16.85
CA CYS A 314 18.62 5.02 -17.46
C CYS A 314 19.51 3.78 -17.46
N LYS A 315 20.76 3.95 -17.86
CA LYS A 315 21.73 2.85 -17.84
C LYS A 315 21.87 2.23 -16.44
N GLU A 316 21.91 3.08 -15.42
CA GLU A 316 21.98 2.59 -14.05
C GLU A 316 20.73 1.84 -13.58
N MET A 317 19.56 2.27 -14.06
CA MET A 317 18.31 1.56 -13.76
C MET A 317 18.32 0.16 -14.41
N VAL A 318 18.85 0.05 -15.62
CA VAL A 318 19.02 -1.25 -16.26
C VAL A 318 19.98 -2.13 -15.46
N THR A 319 21.10 -1.56 -15.07
CA THR A 319 22.05 -2.30 -14.23
C THR A 319 21.38 -2.75 -12.94
N PHE A 320 20.59 -1.85 -12.33
CA PHE A 320 19.81 -2.18 -11.13
C PHE A 320 18.97 -3.44 -11.39
N LEU A 321 18.21 -3.47 -12.48
CA LEU A 321 17.46 -4.67 -12.81
C LEU A 321 18.38 -5.91 -12.94
N ASP A 322 19.45 -5.77 -13.74
CA ASP A 322 20.45 -6.83 -13.91
C ASP A 322 20.89 -7.44 -12.56
N LYS A 323 21.29 -6.58 -11.61
CA LYS A 323 21.84 -7.08 -10.34
C LYS A 323 20.80 -7.79 -9.47
N LEU A 324 19.54 -7.39 -9.59
CA LEU A 324 18.44 -8.01 -8.85
C LEU A 324 17.92 -9.26 -9.54
N GLY A 325 18.37 -9.51 -10.76
CA GLY A 325 17.97 -10.69 -11.51
C GLY A 325 16.58 -10.60 -12.11
N LEU A 326 16.20 -9.38 -12.51
CA LEU A 326 14.89 -9.11 -13.09
C LEU A 326 15.06 -8.84 -14.57
N SER A 327 14.35 -9.57 -15.43
CA SER A 327 14.41 -9.31 -16.87
C SER A 327 13.60 -8.06 -17.24
N GLN A 328 12.54 -7.79 -16.48
CA GLN A 328 11.68 -6.63 -16.73
C GLN A 328 11.11 -6.09 -15.43
N ALA A 329 10.70 -4.82 -15.44
CA ALA A 329 9.79 -4.32 -14.43
C ALA A 329 8.83 -3.39 -15.10
N VAL A 330 7.67 -3.18 -14.48
CA VAL A 330 6.82 -2.08 -14.90
C VAL A 330 7.43 -0.82 -14.28
N PHE A 331 7.55 0.24 -15.05
CA PHE A 331 8.08 1.47 -14.49
C PHE A 331 6.99 2.51 -14.38
N ILE A 332 6.76 2.99 -13.15
CA ILE A 332 5.81 4.08 -12.89
C ILE A 332 6.57 5.27 -12.30
N GLY A 333 6.51 6.40 -12.99
CA GLY A 333 7.25 7.59 -12.57
C GLY A 333 6.34 8.80 -12.34
N HIS A 334 6.79 9.73 -11.50
CA HIS A 334 6.08 11.01 -11.27
C HIS A 334 7.11 12.11 -11.43
N ASP A 335 6.73 13.19 -12.10
CA ASP A 335 7.62 14.35 -12.22
C ASP A 335 8.90 13.96 -12.97
N TRP A 336 10.09 14.29 -12.44
CA TRP A 336 11.32 13.85 -13.10
C TRP A 336 11.39 12.32 -13.26
N GLY A 337 10.84 11.58 -12.31
CA GLY A 337 10.75 10.13 -12.44
C GLY A 337 9.90 9.74 -13.64
N GLY A 338 8.89 10.55 -13.93
CA GLY A 338 8.03 10.28 -15.08
C GLY A 338 8.79 10.45 -16.38
N MET A 339 9.65 11.46 -16.45
CA MET A 339 10.45 11.65 -17.65
C MET A 339 11.44 10.49 -17.84
N LEU A 340 12.03 10.07 -16.74
CA LEU A 340 12.97 8.95 -16.78
C LEU A 340 12.31 7.70 -17.34
N VAL A 341 11.10 7.39 -16.89
CA VAL A 341 10.41 6.18 -17.32
C VAL A 341 10.01 6.23 -18.81
N TRP A 342 9.65 7.41 -19.32
CA TRP A 342 9.46 7.51 -20.79
C TRP A 342 10.73 7.14 -21.54
N TYR A 343 11.89 7.60 -21.08
CA TYR A 343 13.14 7.26 -21.79
C TYR A 343 13.50 5.78 -21.66
N MET A 344 13.18 5.18 -20.52
CA MET A 344 13.33 3.74 -20.37
C MET A 344 12.53 2.99 -21.43
N ALA A 345 11.28 3.39 -21.61
CA ALA A 345 10.41 2.81 -22.63
C ALA A 345 11.02 2.98 -24.02
N LEU A 346 11.59 4.14 -24.28
CA LEU A 346 12.15 4.48 -25.60
C LEU A 346 13.48 3.81 -25.95
N PHE A 347 14.34 3.59 -24.96
CA PHE A 347 15.68 3.06 -25.20
C PHE A 347 15.85 1.63 -24.71
N TYR A 348 15.01 1.19 -23.76
CA TYR A 348 15.11 -0.16 -23.20
C TYR A 348 13.76 -0.87 -23.13
N PRO A 349 13.04 -0.90 -24.26
CA PRO A 349 11.68 -1.47 -24.25
C PRO A 349 11.67 -2.91 -23.78
N GLU A 350 12.73 -3.65 -24.11
CA GLU A 350 12.82 -5.06 -23.69
C GLU A 350 12.76 -5.27 -22.17
N ARG A 351 13.22 -4.28 -21.44
CA ARG A 351 13.30 -4.35 -19.98
C ARG A 351 12.08 -3.76 -19.29
N VAL A 352 11.22 -3.13 -20.07
CA VAL A 352 10.07 -2.44 -19.52
C VAL A 352 8.80 -3.21 -19.85
N ARG A 353 8.16 -3.76 -18.82
CA ARG A 353 6.96 -4.54 -19.01
C ARG A 353 5.82 -3.63 -19.40
N ALA A 354 5.80 -2.43 -18.81
CA ALA A 354 4.80 -1.42 -19.09
C ALA A 354 5.27 -0.13 -18.44
N VAL A 355 4.74 1.00 -18.89
CA VAL A 355 5.23 2.28 -18.38
C VAL A 355 4.08 3.22 -18.07
N ALA A 356 4.18 3.94 -16.97
CA ALA A 356 3.15 4.90 -16.62
C ALA A 356 3.77 6.12 -15.99
N SER A 357 3.26 7.31 -16.37
CA SER A 357 3.71 8.56 -15.78
C SER A 357 2.59 9.33 -15.12
N LEU A 358 2.84 9.83 -13.92
CA LEU A 358 1.97 10.79 -13.27
C LEU A 358 2.46 12.19 -13.63
N ASN A 359 1.58 12.97 -14.26
CA ASN A 359 1.79 14.39 -14.54
C ASN A 359 2.70 14.70 -15.70
N THR A 360 3.85 14.01 -15.77
CA THR A 360 4.86 14.32 -16.77
C THR A 360 4.52 13.73 -18.12
N PRO A 361 4.36 14.60 -19.13
CA PRO A 361 4.00 14.20 -20.48
C PRO A 361 5.26 13.72 -21.18
N PHE A 362 5.09 12.96 -22.25
CA PHE A 362 6.20 12.70 -23.11
C PHE A 362 6.26 13.77 -24.20
N ILE A 363 7.32 14.55 -24.20
CA ILE A 363 7.52 15.57 -25.22
C ILE A 363 8.80 15.23 -26.00
N PRO A 364 8.65 14.88 -27.29
CA PRO A 364 9.83 14.57 -28.11
C PRO A 364 10.74 15.78 -28.21
N ALA A 365 12.04 15.52 -28.34
CA ALA A 365 13.01 16.59 -28.51
C ALA A 365 12.69 17.38 -29.79
N ASN A 366 12.89 18.70 -29.73
CA ASN A 366 12.83 19.54 -30.92
C ASN A 366 14.23 19.78 -31.49
N PRO A 367 14.57 19.07 -32.59
CA PRO A 367 15.91 19.11 -33.17
C PRO A 367 16.28 20.50 -33.71
N ASN A 368 15.29 21.38 -33.81
CA ASN A 368 15.49 22.72 -34.36
C ASN A 368 15.46 23.82 -33.31
N MET A 369 15.58 23.44 -32.03
CA MET A 369 15.53 24.41 -30.94
C MET A 369 16.35 23.88 -29.78
N SER A 370 17.20 24.74 -29.24
CA SER A 370 17.94 24.37 -28.06
C SER A 370 16.96 24.25 -26.90
N PRO A 371 17.21 23.29 -26.00
CA PRO A 371 16.35 23.09 -24.83
C PRO A 371 16.23 24.37 -23.99
N LEU A 372 17.32 25.14 -23.92
CA LEU A 372 17.32 26.42 -23.20
C LEU A 372 16.27 27.35 -23.79
N GLU A 373 16.26 27.46 -25.12
CA GLU A 373 15.28 28.28 -25.81
C GLU A 373 13.86 27.86 -25.45
N SER A 374 13.61 26.55 -25.52
CA SER A 374 12.29 26.02 -25.22
C SER A 374 11.84 26.36 -23.79
N ILE A 375 12.78 26.33 -22.85
CA ILE A 375 12.47 26.66 -21.46
C ILE A 375 12.09 28.13 -21.30
N LYS A 376 12.79 29.00 -22.02
CA LYS A 376 12.48 30.43 -22.03
C LYS A 376 11.03 30.66 -22.49
N ALA A 377 10.61 29.90 -23.50
CA ALA A 377 9.29 30.05 -24.13
C ALA A 377 8.13 29.55 -23.26
N ASN A 378 8.22 29.75 -21.95
CA ASN A 378 7.18 29.32 -21.03
C ASN A 378 7.44 29.88 -19.65
N PRO A 379 6.67 30.91 -19.28
CA PRO A 379 6.79 31.67 -18.03
C PRO A 379 6.88 30.77 -16.79
N VAL A 380 6.03 29.75 -16.71
CA VAL A 380 5.97 28.91 -15.52
C VAL A 380 7.22 28.04 -15.35
N PHE A 381 8.09 28.06 -16.35
CA PHE A 381 9.33 27.28 -16.31
C PHE A 381 10.52 28.09 -15.81
N ASP A 382 10.29 29.33 -15.37
CA ASP A 382 11.38 30.24 -15.00
C ASP A 382 12.31 29.73 -13.92
N TYR A 383 11.74 29.03 -12.94
CA TYR A 383 12.55 28.49 -11.85
C TYR A 383 13.64 27.55 -12.36
N GLN A 384 13.46 26.96 -13.54
CA GLN A 384 14.47 26.04 -14.04
C GLN A 384 15.76 26.76 -14.41
N LEU A 385 15.66 27.99 -14.88
CA LEU A 385 16.88 28.75 -15.18
C LEU A 385 17.61 29.09 -13.89
N TYR A 386 16.84 29.46 -12.87
CA TYR A 386 17.38 29.72 -11.55
C TYR A 386 18.22 28.52 -11.08
N PHE A 387 17.75 27.31 -11.39
CA PHE A 387 18.44 26.08 -10.97
C PHE A 387 19.76 25.81 -11.69
N GLN A 388 19.99 26.48 -12.81
CA GLN A 388 21.13 26.13 -13.66
C GLN A 388 22.51 26.33 -13.01
N GLU A 389 22.77 27.52 -12.50
CA GLU A 389 24.08 27.84 -11.93
C GLU A 389 24.35 27.11 -10.62
N PRO A 390 25.35 26.24 -10.61
CA PRO A 390 25.60 25.40 -9.42
C PRO A 390 25.79 26.23 -8.16
N GLY A 391 25.05 25.90 -7.10
CA GLY A 391 25.28 26.54 -5.82
C GLY A 391 24.19 27.51 -5.40
N VAL A 392 23.68 28.27 -6.36
CA VAL A 392 22.66 29.24 -6.03
C VAL A 392 21.44 28.57 -5.38
N ALA A 393 20.75 27.70 -6.10
CA ALA A 393 19.57 27.06 -5.52
C ALA A 393 19.90 26.16 -4.32
N GLU A 394 21.06 25.51 -4.33
CA GLU A 394 21.38 24.61 -3.22
C GLU A 394 21.34 25.36 -1.91
N ALA A 395 21.90 26.55 -1.92
CA ALA A 395 22.00 27.38 -0.72
C ALA A 395 20.63 27.78 -0.22
N GLU A 396 19.73 28.14 -1.13
CA GLU A 396 18.40 28.55 -0.69
C GLU A 396 17.59 27.36 -0.19
N LEU A 397 17.71 26.20 -0.85
CA LEU A 397 16.94 25.04 -0.44
C LEU A 397 17.46 24.37 0.82
N GLU A 398 18.78 24.45 1.04
CA GLU A 398 19.42 23.81 2.18
C GLU A 398 19.40 24.68 3.45
N GLN A 399 19.17 25.97 3.31
CA GLN A 399 19.21 26.87 4.47
C GLN A 399 18.30 26.43 5.63
N ASN A 400 17.04 26.19 5.33
CA ASN A 400 16.06 25.77 6.32
C ASN A 400 15.23 24.65 5.71
N LEU A 401 15.57 23.40 6.02
CA LEU A 401 14.95 22.26 5.33
C LEU A 401 13.46 22.12 5.62
N SER A 402 13.08 22.26 6.89
CA SER A 402 11.69 22.21 7.27
C SER A 402 10.90 23.26 6.48
N ARG A 403 11.45 24.46 6.36
CA ARG A 403 10.80 25.49 5.57
C ARG A 403 10.68 25.08 4.09
N THR A 404 11.78 24.57 3.55
CA THR A 404 11.77 24.16 2.15
C THR A 404 10.58 23.25 1.86
N PHE A 405 10.42 22.18 2.66
CA PHE A 405 9.41 21.17 2.36
C PHE A 405 7.99 21.60 2.73
N LYS A 406 7.86 22.38 3.81
CA LYS A 406 6.54 22.90 4.13
C LYS A 406 6.05 23.89 3.06
N SER A 407 6.99 24.59 2.42
CA SER A 407 6.61 25.51 1.36
C SER A 407 6.29 24.79 0.06
N LEU A 408 7.02 23.70 -0.23
CA LEU A 408 6.82 22.96 -1.47
C LEU A 408 5.56 22.09 -1.44
N PHE A 409 5.46 21.23 -0.42
CA PHE A 409 4.40 20.23 -0.34
C PHE A 409 3.07 20.82 0.12
N ARG A 410 2.34 21.45 -0.82
CA ARG A 410 1.06 22.11 -0.51
C ARG A 410 0.01 21.81 -1.58
N ALA A 411 -1.24 21.62 -1.14
CA ALA A 411 -2.39 21.42 -2.03
C ALA A 411 -2.65 22.66 -2.89
N SER A 412 -3.40 22.49 -3.98
CA SER A 412 -3.58 23.56 -4.97
C SER A 412 -4.12 24.88 -4.39
N ASP A 413 -4.92 24.76 -3.33
CA ASP A 413 -5.49 25.94 -2.69
C ASP A 413 -4.49 26.60 -1.75
N GLU A 414 -3.63 25.81 -1.14
CA GLU A 414 -2.74 26.28 -0.08
C GLU A 414 -1.48 26.98 -0.57
N SER A 415 -1.36 27.22 -1.88
CA SER A 415 -0.13 27.76 -2.47
C SER A 415 0.46 28.89 -1.63
N VAL A 416 1.61 29.44 -1.99
CA VAL A 416 2.25 29.26 -3.30
C VAL A 416 3.02 27.91 -3.43
N LEU A 417 4.17 27.84 -4.11
CA LEU A 417 4.95 28.95 -4.65
C LEU A 417 4.50 29.36 -6.04
N SER A 418 4.98 30.52 -6.49
CA SER A 418 4.75 30.99 -7.85
C SER A 418 6.05 30.94 -8.65
N MET A 419 6.25 29.84 -9.37
CA MET A 419 7.51 29.59 -10.05
C MET A 419 7.80 30.50 -11.24
N HIS A 420 7.03 31.58 -11.38
CA HIS A 420 7.32 32.54 -12.43
C HIS A 420 8.03 33.79 -11.89
N LYS A 421 9.04 34.23 -12.63
CA LYS A 421 9.82 35.40 -12.23
C LYS A 421 10.62 35.12 -10.97
N VAL A 422 11.09 33.89 -10.84
CA VAL A 422 11.92 33.49 -9.70
C VAL A 422 13.30 34.10 -9.80
N CYS A 423 13.86 34.10 -11.01
CA CYS A 423 15.17 34.69 -11.21
C CYS A 423 15.16 36.18 -10.83
N GLU A 424 14.19 36.93 -11.36
CA GLU A 424 14.12 38.35 -11.10
C GLU A 424 13.86 38.62 -9.62
N ALA A 425 13.05 37.77 -9.01
CA ALA A 425 12.76 37.87 -7.59
C ALA A 425 14.00 37.52 -6.77
N GLY A 426 14.88 36.71 -7.35
CA GLY A 426 16.12 36.34 -6.69
C GLY A 426 16.05 35.11 -5.79
N GLY A 427 15.02 34.29 -5.97
CA GLY A 427 14.92 33.07 -5.20
C GLY A 427 13.54 32.46 -5.14
N LEU A 428 13.48 31.22 -4.71
CA LEU A 428 12.22 30.48 -4.61
C LEU A 428 11.33 31.03 -3.50
N PHE A 429 11.95 31.32 -2.36
CA PHE A 429 11.17 31.60 -1.15
C PHE A 429 11.23 33.08 -0.73
N VAL A 430 11.66 33.92 -1.66
CA VAL A 430 11.86 35.34 -1.38
C VAL A 430 10.56 36.03 -0.93
N ASN A 431 9.43 35.46 -1.34
CA ASN A 431 8.12 35.97 -0.93
C ASN A 431 7.40 35.01 0.00
N SER A 432 8.16 34.08 0.56
CA SER A 432 7.61 32.99 1.37
C SER A 432 7.85 33.25 2.85
N PRO A 433 6.92 32.77 3.69
CA PRO A 433 7.04 32.91 5.15
C PRO A 433 8.19 32.06 5.67
N GLU A 434 8.78 32.46 6.79
CA GLU A 434 9.86 31.68 7.40
C GLU A 434 9.33 30.41 7.99
N GLU A 435 8.12 30.49 8.53
CA GLU A 435 7.46 29.37 9.17
C GLU A 435 6.10 29.08 8.53
N PRO A 436 6.11 28.40 7.38
CA PRO A 436 4.85 28.06 6.71
C PRO A 436 3.91 27.23 7.59
N SER A 437 2.61 27.38 7.38
CA SER A 437 1.67 26.50 8.01
C SER A 437 1.88 25.10 7.44
N LEU A 438 1.49 24.07 8.17
CA LEU A 438 1.57 22.71 7.68
C LEU A 438 0.39 22.43 6.74
N SER A 439 0.70 22.04 5.51
CA SER A 439 -0.33 21.65 4.56
C SER A 439 -1.17 20.49 5.09
N ARG A 440 -2.42 20.41 4.65
CA ARG A 440 -3.33 19.34 5.06
C ARG A 440 -2.94 17.98 4.46
N MET A 441 -2.05 17.98 3.48
CA MET A 441 -1.60 16.74 2.85
C MET A 441 -0.59 15.94 3.68
N VAL A 442 0.12 16.62 4.58
CA VAL A 442 1.21 15.99 5.35
C VAL A 442 1.06 16.24 6.86
N THR A 443 1.76 15.44 7.67
CA THR A 443 1.89 15.70 9.09
C THR A 443 3.27 16.28 9.37
N GLU A 444 3.44 16.85 10.56
CA GLU A 444 4.76 17.35 10.95
C GLU A 444 5.80 16.22 10.90
N GLU A 445 5.36 15.00 11.24
CA GLU A 445 6.25 13.84 11.27
C GLU A 445 6.69 13.44 9.86
N GLU A 446 5.77 13.51 8.92
CA GLU A 446 6.12 13.21 7.54
C GLU A 446 7.11 14.25 7.00
N ILE A 447 6.87 15.52 7.30
CA ILE A 447 7.82 16.58 6.92
C ILE A 447 9.22 16.33 7.49
N GLN A 448 9.30 15.89 8.74
CA GLN A 448 10.60 15.66 9.39
C GLN A 448 11.31 14.43 8.80
N PHE A 449 10.55 13.52 8.24
CA PHE A 449 11.18 12.43 7.53
C PHE A 449 11.96 12.99 6.33
N TYR A 450 11.30 13.80 5.50
CA TYR A 450 12.00 14.39 4.35
C TYR A 450 13.18 15.22 4.83
N VAL A 451 13.00 15.97 5.90
CA VAL A 451 14.10 16.75 6.45
C VAL A 451 15.31 15.86 6.74
N GLN A 452 15.10 14.78 7.48
CA GLN A 452 16.21 13.91 7.82
C GLN A 452 16.83 13.28 6.58
N GLN A 453 16.02 12.95 5.57
CA GLN A 453 16.56 12.34 4.37
C GLN A 453 17.53 13.28 3.64
N PHE A 454 17.15 14.55 3.53
CA PHE A 454 17.98 15.52 2.82
C PHE A 454 19.18 16.06 3.62
N LYS A 455 19.27 15.68 4.89
CA LYS A 455 20.45 16.05 5.68
C LYS A 455 21.69 15.32 5.20
N LYS A 456 21.52 14.18 4.54
CA LYS A 456 22.68 13.40 4.10
C LYS A 456 23.44 14.02 2.93
N SER A 457 22.74 14.36 1.86
CA SER A 457 23.41 14.78 0.63
C SER A 457 23.00 16.16 0.16
N GLY A 458 21.95 16.70 0.75
CA GLY A 458 21.43 17.99 0.37
C GLY A 458 20.83 18.02 -1.04
N PHE A 459 20.95 19.17 -1.69
CA PHE A 459 20.24 19.38 -2.94
C PHE A 459 21.12 19.37 -4.18
N ARG A 460 22.43 19.14 -4.04
CA ARG A 460 23.30 19.16 -5.22
C ARG A 460 22.92 18.09 -6.25
N GLY A 461 22.83 16.84 -5.79
CA GLY A 461 22.45 15.73 -6.65
C GLY A 461 21.10 15.95 -7.31
N PRO A 462 20.07 16.17 -6.51
CA PRO A 462 18.72 16.46 -7.03
C PRO A 462 18.68 17.62 -8.04
N LEU A 463 19.38 18.72 -7.77
CA LEU A 463 19.38 19.84 -8.73
C LEU A 463 20.11 19.50 -10.00
N ASN A 464 21.11 18.64 -9.92
CA ASN A 464 21.83 18.22 -11.11
C ASN A 464 20.92 17.56 -12.19
N TRP A 465 19.75 17.06 -11.80
CA TRP A 465 18.84 16.49 -12.79
C TRP A 465 18.45 17.55 -13.80
N TYR A 466 18.45 18.81 -13.37
CA TYR A 466 18.09 19.94 -14.22
C TYR A 466 19.24 20.48 -15.07
N ARG A 467 20.46 20.01 -14.81
CA ARG A 467 21.64 20.67 -15.35
C ARG A 467 22.24 19.91 -16.55
N ASN A 468 21.39 19.16 -17.23
CA ASN A 468 21.83 18.33 -18.34
C ASN A 468 20.94 18.54 -19.55
N MET A 469 20.41 19.75 -19.70
CA MET A 469 19.44 20.02 -20.77
C MET A 469 19.97 19.70 -22.17
N GLU A 470 21.15 20.22 -22.49
CA GLU A 470 21.77 20.01 -23.79
C GLU A 470 22.11 18.53 -24.05
N ARG A 471 22.64 17.87 -23.02
CA ARG A 471 23.06 16.49 -23.07
C ARG A 471 21.87 15.54 -23.26
N ASN A 472 20.78 15.79 -22.52
CA ASN A 472 19.54 15.01 -22.67
C ASN A 472 18.90 15.22 -24.03
N TRP A 473 18.93 16.47 -24.52
CA TRP A 473 18.36 16.80 -25.81
C TRP A 473 19.09 16.04 -26.92
N LYS A 474 20.42 16.08 -26.89
CA LYS A 474 21.20 15.30 -27.85
C LYS A 474 20.86 13.81 -27.84
N TRP A 475 20.78 13.23 -26.66
CA TRP A 475 20.49 11.80 -26.55
C TRP A 475 19.06 11.52 -27.02
N ALA A 476 18.13 12.37 -26.64
CA ALA A 476 16.74 12.20 -27.00
C ALA A 476 16.53 12.30 -28.50
N CYS A 477 17.36 13.10 -29.17
CA CYS A 477 17.22 13.25 -30.63
C CYS A 477 17.44 11.92 -31.37
N LYS A 478 18.25 11.06 -30.79
CA LYS A 478 18.50 9.73 -31.38
C LYS A 478 17.21 8.91 -31.48
N SER A 479 16.20 9.27 -30.70
CA SER A 479 14.97 8.47 -30.65
C SER A 479 13.85 9.06 -31.51
N LEU A 480 14.13 10.13 -32.24
CA LEU A 480 13.06 10.84 -32.96
C LEU A 480 12.34 10.03 -34.04
N GLY A 481 12.92 8.90 -34.45
CA GLY A 481 12.26 8.02 -35.40
C GLY A 481 11.40 6.93 -34.77
N ARG A 482 11.53 6.77 -33.46
CA ARG A 482 10.81 5.71 -32.77
C ARG A 482 9.41 6.08 -32.33
N LYS A 483 8.63 5.06 -31.99
CA LYS A 483 7.37 5.24 -31.30
C LYS A 483 7.43 4.36 -30.05
N ILE A 484 6.64 4.71 -29.04
CA ILE A 484 6.51 3.84 -27.89
C ILE A 484 5.32 2.93 -28.12
N LEU A 485 5.58 1.62 -28.17
CA LEU A 485 4.55 0.68 -28.58
C LEU A 485 4.30 -0.39 -27.54
N ILE A 486 4.95 -0.24 -26.37
CA ILE A 486 4.63 -1.11 -25.22
C ILE A 486 3.47 -0.50 -24.44
N PRO A 487 2.83 -1.28 -23.54
CA PRO A 487 1.69 -0.76 -22.77
C PRO A 487 2.06 0.52 -22.01
N ALA A 488 1.25 1.57 -22.13
CA ALA A 488 1.60 2.88 -21.57
C ALA A 488 0.39 3.61 -21.02
N LEU A 489 0.59 4.34 -19.93
CA LEU A 489 -0.48 5.08 -19.26
C LEU A 489 0.01 6.48 -18.92
N MET A 490 -0.80 7.48 -19.26
CA MET A 490 -0.54 8.87 -18.89
C MET A 490 -1.65 9.38 -17.94
N VAL A 491 -1.27 9.76 -16.72
CA VAL A 491 -2.21 10.31 -15.75
C VAL A 491 -1.99 11.80 -15.60
N THR A 492 -3.01 12.58 -15.93
CA THR A 492 -2.91 14.03 -15.79
C THR A 492 -3.60 14.51 -14.52
N ALA A 493 -3.14 15.64 -14.01
CA ALA A 493 -3.67 16.24 -12.78
C ALA A 493 -4.17 17.64 -13.11
N GLU A 494 -5.47 17.88 -12.88
CA GLU A 494 -6.12 19.12 -13.30
C GLU A 494 -5.39 20.37 -12.82
N LYS A 495 -4.93 20.34 -11.57
CA LYS A 495 -4.38 21.54 -10.96
C LYS A 495 -2.87 21.56 -10.77
N ASP A 496 -2.16 20.80 -11.60
CA ASP A 496 -0.70 20.95 -11.65
C ASP A 496 -0.41 22.12 -12.58
N PHE A 497 0.10 23.21 -12.02
CA PHE A 497 0.15 24.46 -12.76
C PHE A 497 1.46 24.59 -13.50
N VAL A 498 2.30 23.55 -13.42
CA VAL A 498 3.52 23.50 -14.20
C VAL A 498 3.46 22.41 -15.25
N LEU A 499 3.15 21.19 -14.80
CA LEU A 499 2.96 20.06 -15.69
C LEU A 499 1.47 19.99 -15.99
N VAL A 500 1.00 20.93 -16.80
CA VAL A 500 -0.43 21.10 -17.03
C VAL A 500 -0.97 19.98 -17.93
N PRO A 501 -2.24 19.57 -17.74
CA PRO A 501 -2.76 18.46 -18.56
C PRO A 501 -2.66 18.69 -20.07
N GLN A 502 -2.77 19.94 -20.53
CA GLN A 502 -2.71 20.24 -21.97
C GLN A 502 -1.33 19.98 -22.60
N MET A 503 -0.30 19.95 -21.77
CA MET A 503 1.05 19.63 -22.22
C MET A 503 1.11 18.22 -22.81
N SER A 504 0.14 17.38 -22.45
CA SER A 504 0.14 15.98 -22.90
C SER A 504 -0.70 15.76 -24.17
N GLN A 505 -1.29 16.82 -24.69
CA GLN A 505 -2.27 16.69 -25.77
C GLN A 505 -1.82 15.94 -27.03
N HIS A 506 -0.54 15.97 -27.37
CA HIS A 506 -0.10 15.34 -28.62
C HIS A 506 0.54 13.96 -28.46
N MET A 507 0.55 13.44 -27.24
CA MET A 507 1.29 12.21 -26.94
C MET A 507 0.87 11.01 -27.79
N GLU A 508 -0.38 10.98 -28.23
CA GLU A 508 -0.88 9.89 -29.07
C GLU A 508 -0.12 9.77 -30.38
N ASP A 509 0.46 10.88 -30.84
CA ASP A 509 1.27 10.85 -32.05
C ASP A 509 2.47 9.92 -31.87
N TRP A 510 2.99 9.84 -30.65
CA TRP A 510 4.21 9.06 -30.37
C TRP A 510 3.88 7.73 -29.70
N ILE A 511 2.70 7.68 -29.09
CA ILE A 511 2.26 6.55 -28.29
C ILE A 511 0.83 6.19 -28.70
N PRO A 512 0.66 5.57 -29.87
CA PRO A 512 -0.64 5.27 -30.49
C PRO A 512 -1.66 4.64 -29.55
N HIS A 513 -1.23 3.67 -28.76
CA HIS A 513 -2.14 2.90 -27.92
C HIS A 513 -2.18 3.43 -26.50
N LEU A 514 -1.69 4.64 -26.31
CA LEU A 514 -1.70 5.28 -24.98
C LEU A 514 -3.06 5.18 -24.31
N LYS A 515 -3.05 4.79 -23.04
CA LYS A 515 -4.22 4.85 -22.16
C LYS A 515 -4.07 6.06 -21.26
N ARG A 516 -5.17 6.61 -20.77
CA ARG A 516 -5.10 7.80 -19.94
C ARG A 516 -5.90 7.66 -18.64
N GLY A 517 -5.46 8.43 -17.65
CA GLY A 517 -6.25 8.68 -16.46
C GLY A 517 -6.20 10.18 -16.20
N HIS A 518 -7.14 10.68 -15.41
CA HIS A 518 -7.17 12.10 -15.10
C HIS A 518 -7.76 12.31 -13.73
N ILE A 519 -7.10 13.13 -12.92
CA ILE A 519 -7.53 13.37 -11.57
C ILE A 519 -7.91 14.85 -11.41
N GLU A 520 -9.18 15.14 -11.20
CA GLU A 520 -9.50 16.55 -11.01
C GLU A 520 -9.27 16.99 -9.58
N ASP A 521 -9.16 18.30 -9.39
CA ASP A 521 -8.84 18.91 -8.11
C ASP A 521 -7.53 18.38 -7.55
N CYS A 522 -6.64 17.95 -8.42
CA CYS A 522 -5.36 17.37 -8.00
C CYS A 522 -4.19 18.27 -8.40
N GLY A 523 -3.38 18.64 -7.42
CA GLY A 523 -2.24 19.51 -7.66
C GLY A 523 -1.03 18.71 -8.13
N HIS A 524 0.17 19.28 -8.01
CA HIS A 524 1.40 18.62 -8.49
C HIS A 524 1.79 17.37 -7.67
N TRP A 525 1.51 17.36 -6.38
CA TRP A 525 1.94 16.26 -5.50
C TRP A 525 0.91 15.13 -5.49
N THR A 526 0.75 14.54 -6.65
CA THR A 526 -0.37 13.66 -6.95
C THR A 526 -0.53 12.51 -5.95
N GLN A 527 0.59 11.90 -5.55
CA GLN A 527 0.52 10.68 -4.77
C GLN A 527 -0.09 10.89 -3.41
N MET A 528 0.19 12.03 -2.78
CA MET A 528 -0.33 12.33 -1.45
C MET A 528 -1.53 13.28 -1.50
N ASP A 529 -1.74 13.92 -2.65
CA ASP A 529 -2.89 14.80 -2.84
C ASP A 529 -4.13 13.95 -2.97
N LYS A 530 -4.10 13.02 -3.92
CA LYS A 530 -5.21 12.10 -4.17
C LYS A 530 -4.78 10.62 -4.21
N PRO A 531 -4.29 10.09 -3.08
CA PRO A 531 -3.78 8.71 -3.01
C PRO A 531 -4.82 7.68 -3.40
N THR A 532 -6.03 7.80 -2.88
CA THR A 532 -7.09 6.85 -3.24
C THR A 532 -7.34 6.75 -4.75
N GLU A 533 -7.44 7.88 -5.41
CA GLU A 533 -7.71 7.85 -6.84
C GLU A 533 -6.47 7.41 -7.64
N VAL A 534 -5.29 7.85 -7.24
CA VAL A 534 -4.07 7.34 -7.85
C VAL A 534 -4.07 5.83 -7.78
N ASN A 535 -4.33 5.28 -6.60
CA ASN A 535 -4.27 3.82 -6.41
C ASN A 535 -5.26 3.10 -7.30
N GLN A 536 -6.47 3.63 -7.37
CA GLN A 536 -7.50 3.05 -8.24
C GLN A 536 -7.06 3.05 -9.71
N ILE A 537 -6.54 4.17 -10.17
CA ILE A 537 -6.09 4.27 -11.56
C ILE A 537 -4.95 3.28 -11.88
N LEU A 538 -3.93 3.27 -11.02
CA LEU A 538 -2.80 2.39 -11.27
C LEU A 538 -3.19 0.92 -11.22
N ILE A 539 -3.98 0.53 -10.24
CA ILE A 539 -4.30 -0.89 -10.09
C ILE A 539 -5.15 -1.41 -11.23
N LYS A 540 -6.15 -0.63 -11.64
CA LYS A 540 -6.94 -1.01 -12.81
C LYS A 540 -6.03 -1.17 -14.04
N TRP A 541 -5.12 -0.25 -14.23
CA TRP A 541 -4.26 -0.30 -15.41
C TRP A 541 -3.27 -1.47 -15.32
N LEU A 542 -2.69 -1.71 -14.15
CA LEU A 542 -1.79 -2.87 -13.97
C LEU A 542 -2.47 -4.19 -14.30
N ASP A 543 -3.66 -4.37 -13.75
CA ASP A 543 -4.35 -5.64 -13.91
C ASP A 543 -4.79 -5.84 -15.35
N SER A 544 -4.96 -4.73 -16.05
CA SER A 544 -5.34 -4.71 -17.47
C SER A 544 -4.17 -4.98 -18.41
N ASP A 545 -3.10 -4.22 -18.22
CA ASP A 545 -2.05 -4.05 -19.22
C ASP A 545 -0.69 -4.63 -18.82
N ALA A 546 -0.51 -4.93 -17.54
CA ALA A 546 0.73 -5.54 -17.08
C ALA A 546 0.54 -7.00 -16.66
N ARG A 547 -0.20 -7.22 -15.57
CA ARG A 547 -0.40 -8.56 -15.03
C ARG A 547 -0.93 -9.58 -16.06
N ASN A 548 -1.58 -9.08 -17.11
CA ASN A 548 -2.18 -9.95 -18.14
C ASN A 548 -3.45 -10.66 -17.66
C5 34N B . 3.85 23.09 -8.57
C6 34N B . 4.26 22.55 -9.77
C7 34N B . 5.50 21.91 -9.85
C8 34N B . 6.33 21.84 -8.74
C10 34N B . 4.67 23.01 -7.45
C13 34N B . 9.40 20.01 -10.15
C15 34N B . 10.17 19.88 -12.46
C17 34N B . 10.25 19.13 -13.75
C20 34N B . 10.42 17.77 -16.15
C21 34N B . 10.78 19.12 -16.08
C22 34N B . 10.70 19.79 -14.89
C26 34N B . 9.09 23.22 -8.63
C28 34N B . 10.72 23.44 -6.88
F29 34N B . 11.68 24.15 -6.25
C27 34N B . 10.07 23.96 -8.00
C30 34N B . 10.38 22.18 -6.41
C31 34N B . 9.41 21.44 -7.03
C25 34N B . 8.76 21.97 -8.15
C11 34N B . 7.68 21.13 -8.79
C9 34N B . 5.91 22.38 -7.54
S2 34N B . 2.30 23.91 -8.42
O3 34N B . 1.87 23.65 -7.09
O4 34N B . 1.49 23.45 -9.51
C1 34N B . 2.79 25.65 -8.66
C12 34N B . 8.06 20.74 -10.21
N14 34N B . 9.51 19.31 -11.43
O16 34N B . 10.67 20.98 -12.35
C23 34N B . 10.50 17.13 -17.42
N24 34N B . 10.56 16.58 -18.42
C19 34N B . 9.94 17.10 -15.02
C18 34N B . 9.87 17.78 -13.82
#